data_3L2L
#
_entry.id   3L2L
#
_cell.length_a   70.590
_cell.length_b   114.820
_cell.length_c   118.780
_cell.angle_alpha   90.00
_cell.angle_beta   90.00
_cell.angle_gamma   90.00
#
_symmetry.space_group_name_H-M   'P 21 21 21'
#
loop_
_entity.id
_entity.type
_entity.pdbx_description
1 polymer 'Pancreatic alpha-amylase'
2 branched alpha-D-glucopyranose-(1-4)-alpha-D-glucopyranose-(1-4)-alpha-D-glucopyranose-(1-4)-alpha-D-glucopyranose
3 branched alpha-D-glucopyranose-(1-4)-alpha-D-glucopyranose-(1-4)-[alpha-D-glucopyranose-(1-6)]alpha-D-glucopyranose-(1-4)-alpha-D-glucopyranose-(1-4)-alpha-D-glucopyranose
4 non-polymer alpha-D-glucopyranose
5 non-polymer 'CALCIUM ION'
6 non-polymer 'CHLORIDE ION'
7 water water
#
_entity_poly.entity_id   1
_entity_poly.type   'polypeptide(L)'
_entity_poly.pdbx_seq_one_letter_code
;(PCA)YAPQTQSGRTSIVHLFEWRWVDIALECERYLGPKGFGGVQVSPPNENIVVTNPSRPWWERYQPVSYKLCTRSGNE
NEFRDMVTRCNNVGVRIYVDAVINHMCGSGAAAGTGTTCGSYCNPGNREFPAVPYSAWDFNDGKCKTASGGIESYNDPYQ
VRDCQLVGLLDLALEKDYVRSMIADYLNKLIDIGVAGFRIDASKHMWPGDIKAVLDKLHNLNTNWFPAGSRPFIFQEVID
LGGEAIQSSEYFGNGRVTEFKYGAKLGTVVRKWSGEKMSYLKNWGEGWGFMPSDRALVFVDNHDNQRGHGAGGASILTFW
DARLYKVAVGFMLAHPYGFTRVMSSYRWARNFVNGQDVNDWIGPPNNNGVIKEVTINADTTCGNDWVCEHRWRQIRNMVW
FRNVVDGQPFANWWDNGSNQVAFGRGNRGFIVFNNDDWQLSSTLQTGLPGGTYCDVISGDKVGNSCTGIKVYVSSDGTAQ
FSISNSAEDPFIAIHAESKL
;
_entity_poly.pdbx_strand_id   A
#
loop_
_chem_comp.id
_chem_comp.type
_chem_comp.name
_chem_comp.formula
CA non-polymer 'CALCIUM ION' 'Ca 2'
CL non-polymer 'CHLORIDE ION' 'Cl -1'
GLC D-saccharide, alpha linking alpha-D-glucopyranose 'C6 H12 O6'
#
# COMPACT_ATOMS: atom_id res chain seq x y z
N PCA A 1 12.16 -5.19 12.20
CA PCA A 1 11.11 -5.79 11.42
CB PCA A 1 10.69 -7.19 11.95
CG PCA A 1 11.45 -7.36 13.24
CD PCA A 1 12.41 -6.19 13.20
OE PCA A 1 13.38 -6.11 13.93
C PCA A 1 9.95 -4.80 11.40
O PCA A 1 9.31 -4.66 10.35
HA PCA A 1 11.43 -5.90 10.50
HB2 PCA A 1 9.73 -7.19 12.13
HB3 PCA A 1 10.87 -7.87 11.27
HG2 PCA A 1 10.84 -7.24 14.01
HG3 PCA A 1 11.81 -8.27 13.30
N TYR A 2 9.70 -4.12 12.52
CA TYR A 2 8.54 -3.22 12.63
C TYR A 2 8.81 -1.78 12.19
N ALA A 3 10.07 -1.36 12.27
CA ALA A 3 10.50 -0.02 11.91
C ALA A 3 10.65 0.08 10.40
N PRO A 4 10.06 1.11 9.77
CA PRO A 4 10.05 1.26 8.30
C PRO A 4 11.40 1.60 7.70
N GLN A 5 12.31 2.13 8.50
CA GLN A 5 13.64 2.53 8.03
C GLN A 5 13.62 3.67 7.02
N THR A 6 12.54 4.46 7.03
CA THR A 6 12.49 5.69 6.21
C THR A 6 13.41 6.74 6.83
N GLN A 7 13.82 7.73 6.04
N GLN A 7 13.83 7.73 6.06
CA GLN A 7 14.44 8.94 6.59
CA GLN A 7 14.55 8.85 6.65
C GLN A 7 13.57 9.52 7.69
C GLN A 7 13.64 9.57 7.63
N SER A 8 14.26 9.99 8.73
CA SER A 8 13.62 10.63 9.84
C SER A 8 12.67 11.70 9.35
N GLY A 9 11.46 11.65 9.88
CA GLY A 9 10.45 12.61 9.51
C GLY A 9 9.67 12.27 8.25
N ARG A 10 9.76 11.03 7.75
CA ARG A 10 8.94 10.66 6.59
C ARG A 10 8.11 9.48 6.97
N THR A 11 6.81 9.56 6.73
CA THR A 11 5.86 8.71 7.42
C THR A 11 4.92 7.91 6.53
N SER A 12 5.08 7.98 5.21
CA SER A 12 4.25 7.16 4.29
C SER A 12 5.08 6.55 3.19
N ILE A 13 4.54 5.50 2.60
N ILE A 13 4.50 5.49 2.63
CA ILE A 13 5.10 4.97 1.37
CA ILE A 13 5.02 4.79 1.45
C ILE A 13 4.01 4.92 0.34
C ILE A 13 3.98 4.92 0.34
N VAL A 14 4.39 4.85 -0.92
CA VAL A 14 3.42 4.86 -2.01
C VAL A 14 3.66 3.61 -2.86
N HIS A 15 2.57 2.98 -3.29
CA HIS A 15 2.63 1.85 -4.21
C HIS A 15 2.58 2.33 -5.67
N LEU A 16 3.71 2.33 -6.34
CA LEU A 16 3.79 2.64 -7.79
C LEU A 16 3.62 1.38 -8.60
N PHE A 17 2.36 0.98 -8.62
CA PHE A 17 1.90 -0.28 -9.10
C PHE A 17 2.15 -0.36 -10.61
N GLU A 18 2.99 -1.31 -11.00
CA GLU A 18 3.33 -1.64 -12.38
C GLU A 18 4.20 -0.59 -13.08
N TRP A 19 4.69 0.40 -12.32
CA TRP A 19 5.66 1.35 -12.87
C TRP A 19 6.97 0.64 -13.23
N ARG A 20 7.58 1.17 -14.29
CA ARG A 20 8.90 0.77 -14.74
C ARG A 20 9.96 1.40 -13.87
N TRP A 21 11.10 0.72 -13.78
CA TRP A 21 12.16 1.17 -12.89
C TRP A 21 12.69 2.56 -13.25
N VAL A 22 12.91 2.83 -14.54
CA VAL A 22 13.43 4.12 -14.95
CA VAL A 22 13.43 4.12 -14.98
C VAL A 22 12.49 5.26 -14.55
N ASP A 23 11.18 5.07 -14.71
CA ASP A 23 10.21 6.06 -14.27
C ASP A 23 10.15 6.32 -12.76
N ILE A 24 10.34 5.28 -11.96
CA ILE A 24 10.42 5.42 -10.52
C ILE A 24 11.68 6.18 -10.08
N ALA A 25 12.82 5.82 -10.67
CA ALA A 25 14.06 6.55 -10.39
C ALA A 25 13.85 8.06 -10.62
N LEU A 26 13.28 8.42 -11.77
CA LEU A 26 12.95 9.81 -12.06
C LEU A 26 12.00 10.46 -11.06
N GLU A 27 10.89 9.78 -10.80
CA GLU A 27 9.89 10.24 -9.85
C GLU A 27 10.48 10.48 -8.47
N CYS A 28 11.39 9.63 -8.05
CA CYS A 28 12.10 9.85 -6.79
C CYS A 28 12.79 11.19 -6.78
N GLU A 29 13.49 11.52 -7.87
CA GLU A 29 14.32 12.73 -7.91
C GLU A 29 13.50 13.98 -8.08
N ARG A 30 12.54 13.93 -8.99
CA ARG A 30 11.78 15.11 -9.32
C ARG A 30 10.61 15.37 -8.37
N TYR A 31 10.13 14.35 -7.66
CA TYR A 31 8.92 14.51 -6.92
C TYR A 31 8.89 13.90 -5.50
N LEU A 32 9.13 12.60 -5.38
CA LEU A 32 8.93 11.94 -4.09
C LEU A 32 9.90 12.45 -3.03
N GLY A 33 11.14 12.66 -3.42
CA GLY A 33 12.13 13.16 -2.49
C GLY A 33 11.75 14.55 -1.99
N PRO A 34 11.58 15.51 -2.91
CA PRO A 34 11.26 16.87 -2.48
C PRO A 34 9.91 16.99 -1.77
N LYS A 35 8.95 16.11 -2.06
CA LYS A 35 7.66 16.22 -1.43
C LYS A 35 7.52 15.38 -0.16
N GLY A 36 8.61 14.83 0.33
CA GLY A 36 8.56 14.25 1.67
C GLY A 36 8.02 12.84 1.80
N PHE A 37 7.94 12.10 0.70
CA PHE A 37 7.45 10.72 0.75
C PHE A 37 8.54 9.80 1.23
N GLY A 38 8.17 8.83 2.06
CA GLY A 38 9.17 7.99 2.71
C GLY A 38 9.72 6.85 1.87
N GLY A 39 8.93 6.38 0.91
CA GLY A 39 9.30 5.17 0.21
C GLY A 39 8.30 4.72 -0.82
N VAL A 40 8.72 3.73 -1.58
CA VAL A 40 7.98 3.21 -2.69
C VAL A 40 7.91 1.70 -2.56
N GLN A 41 6.70 1.17 -2.67
CA GLN A 41 6.52 -0.26 -2.86
C GLN A 41 6.52 -0.53 -4.35
N VAL A 42 7.39 -1.41 -4.81
CA VAL A 42 7.43 -1.76 -6.21
C VAL A 42 6.77 -3.07 -6.48
N SER A 43 6.38 -3.26 -7.74
CA SER A 43 5.86 -4.51 -8.20
C SER A 43 6.99 -5.55 -8.17
N PRO A 44 6.61 -6.84 -8.17
CA PRO A 44 7.55 -7.95 -8.11
C PRO A 44 8.66 -7.84 -9.13
N PRO A 45 9.92 -7.82 -8.69
CA PRO A 45 10.99 -7.55 -9.64
C PRO A 45 11.59 -8.81 -10.28
N ASN A 46 11.10 -9.97 -9.88
CA ASN A 46 11.58 -11.25 -10.38
C ASN A 46 10.79 -11.77 -11.59
N GLU A 47 11.45 -12.62 -12.36
CA GLU A 47 10.90 -13.12 -13.61
C GLU A 47 9.59 -13.84 -13.44
N ASN A 48 8.65 -13.58 -14.34
CA ASN A 48 7.34 -14.21 -14.23
C ASN A 48 6.92 -14.83 -15.52
N ILE A 49 5.90 -15.67 -15.45
CA ILE A 49 5.38 -16.32 -16.62
C ILE A 49 4.61 -15.30 -17.43
N VAL A 50 4.64 -15.47 -18.73
CA VAL A 50 3.87 -14.64 -19.63
C VAL A 50 2.49 -15.25 -19.85
N VAL A 51 1.46 -14.46 -19.59
CA VAL A 51 0.10 -14.89 -19.85
C VAL A 51 -0.43 -14.18 -21.10
N THR A 52 -0.79 -14.98 -22.10
CA THR A 52 -1.33 -14.44 -23.35
C THR A 52 -2.86 -14.46 -23.38
N ASN A 53 -3.49 -15.21 -22.48
CA ASN A 53 -4.94 -15.23 -22.38
C ASN A 53 -5.42 -15.13 -20.94
N PRO A 54 -5.96 -13.98 -20.54
CA PRO A 54 -6.05 -12.75 -21.30
C PRO A 54 -4.64 -12.16 -21.52
N SER A 55 -4.56 -11.05 -22.22
CA SER A 55 -3.29 -10.52 -22.70
CA SER A 55 -3.30 -10.52 -22.71
C SER A 55 -2.51 -9.68 -21.70
N ARG A 56 -1.59 -10.32 -21.01
CA ARG A 56 -0.61 -9.63 -20.15
C ARG A 56 -1.32 -8.89 -19.02
N PRO A 57 -2.06 -9.65 -18.19
CA PRO A 57 -2.77 -9.11 -17.04
C PRO A 57 -1.81 -8.70 -15.93
N TRP A 58 -2.26 -7.84 -15.03
CA TRP A 58 -1.39 -7.44 -13.94
C TRP A 58 -0.97 -8.66 -13.14
N TRP A 59 -1.88 -9.62 -12.99
CA TRP A 59 -1.64 -10.74 -12.10
C TRP A 59 -0.64 -11.78 -12.60
N GLU A 60 -0.14 -11.65 -13.83
CA GLU A 60 0.90 -12.62 -14.24
C GLU A 60 2.19 -12.45 -13.39
N ARG A 61 2.37 -11.29 -12.81
CA ARG A 61 3.54 -10.96 -11.96
C ARG A 61 3.51 -11.62 -10.60
N TYR A 62 2.37 -12.23 -10.26
CA TYR A 62 2.24 -13.05 -9.06
C TYR A 62 2.46 -14.56 -9.35
N GLN A 63 3.03 -14.86 -10.54
CA GLN A 63 3.38 -16.20 -10.94
C GLN A 63 4.86 -16.32 -11.33
N PRO A 64 5.75 -16.42 -10.34
CA PRO A 64 7.19 -16.51 -10.59
C PRO A 64 7.65 -17.74 -11.35
N VAL A 65 8.69 -17.57 -12.14
CA VAL A 65 9.40 -18.69 -12.76
C VAL A 65 10.88 -18.74 -12.39
N SER A 66 11.41 -17.64 -11.84
CA SER A 66 12.80 -17.62 -11.37
C SER A 66 12.98 -16.38 -10.49
N TYR A 67 14.18 -16.17 -9.99
CA TYR A 67 14.48 -14.99 -9.17
C TYR A 67 15.40 -14.04 -9.92
N LYS A 68 15.47 -14.21 -11.25
CA LYS A 68 16.16 -13.24 -12.08
C LYS A 68 15.38 -11.94 -12.10
N LEU A 69 16.11 -10.84 -12.00
CA LEU A 69 15.50 -9.52 -11.99
C LEU A 69 15.28 -9.01 -13.42
N CYS A 70 14.20 -9.50 -14.02
N CYS A 70 14.38 -9.66 -14.16
CA CYS A 70 13.95 -9.33 -15.42
CA CYS A 70 14.01 -9.18 -15.48
C CYS A 70 12.46 -9.39 -15.69
C CYS A 70 12.51 -9.37 -15.72
N THR A 71 11.84 -8.22 -15.88
CA THR A 71 10.38 -8.12 -15.91
C THR A 71 10.00 -7.02 -16.87
N ARG A 72 8.70 -6.80 -17.08
CA ARG A 72 8.25 -5.68 -17.89
C ARG A 72 8.63 -4.29 -17.32
N SER A 73 8.91 -4.23 -16.02
CA SER A 73 9.36 -3.00 -15.36
C SER A 73 10.80 -2.63 -15.69
N GLY A 74 11.60 -3.63 -16.08
CA GLY A 74 13.00 -3.42 -16.39
C GLY A 74 13.93 -4.57 -16.05
N ASN A 75 15.21 -4.38 -16.32
CA ASN A 75 16.21 -5.40 -16.02
C ASN A 75 16.98 -5.05 -14.75
N GLU A 76 18.02 -5.83 -14.46
CA GLU A 76 18.74 -5.68 -13.21
C GLU A 76 19.46 -4.35 -13.07
N ASN A 77 20.07 -3.88 -14.16
CA ASN A 77 20.82 -2.65 -14.12
C ASN A 77 19.91 -1.50 -13.85
N GLU A 78 18.74 -1.54 -14.46
N GLU A 78 18.74 -1.54 -14.48
CA GLU A 78 17.74 -0.51 -14.25
CA GLU A 78 17.72 -0.52 -14.26
C GLU A 78 17.19 -0.55 -12.82
C GLU A 78 17.21 -0.56 -12.81
N PHE A 79 17.04 -1.76 -12.27
CA PHE A 79 16.56 -1.93 -10.91
C PHE A 79 17.59 -1.33 -9.94
N ARG A 80 18.85 -1.69 -10.13
CA ARG A 80 19.94 -1.20 -9.29
C ARG A 80 20.06 0.29 -9.31
N ASP A 81 19.98 0.82 -10.52
CA ASP A 81 20.05 2.25 -10.73
C ASP A 81 18.92 2.96 -9.98
N MET A 82 17.72 2.40 -10.07
N MET A 82 17.72 2.41 -10.03
CA MET A 82 16.53 2.95 -9.38
CA MET A 82 16.58 3.03 -9.38
C MET A 82 16.76 2.98 -7.87
C MET A 82 16.67 2.96 -7.85
N VAL A 83 17.19 1.85 -7.32
CA VAL A 83 17.41 1.76 -5.87
C VAL A 83 18.48 2.80 -5.40
N THR A 84 19.55 2.95 -6.18
CA THR A 84 20.62 3.87 -5.81
C THR A 84 20.10 5.30 -5.84
N ARG A 85 19.43 5.65 -6.95
CA ARG A 85 18.97 7.02 -7.14
C ARG A 85 17.88 7.45 -6.16
N CYS A 86 16.94 6.54 -5.87
CA CYS A 86 15.94 6.81 -4.86
C CYS A 86 16.55 6.94 -3.47
N ASN A 87 17.43 6.01 -3.08
CA ASN A 87 18.04 6.11 -1.76
C ASN A 87 18.83 7.41 -1.57
N ASN A 88 19.49 7.85 -2.64
CA ASN A 88 20.31 9.04 -2.59
C ASN A 88 19.50 10.29 -2.35
N VAL A 89 18.23 10.31 -2.71
CA VAL A 89 17.38 11.46 -2.35
C VAL A 89 16.42 11.15 -1.18
N GLY A 90 16.72 10.11 -0.41
CA GLY A 90 15.98 9.81 0.83
C GLY A 90 14.70 8.99 0.74
N VAL A 91 14.44 8.39 -0.40
CA VAL A 91 13.25 7.61 -0.64
C VAL A 91 13.63 6.12 -0.72
N ARG A 92 13.10 5.33 0.20
CA ARG A 92 13.40 3.89 0.29
C ARG A 92 12.61 3.07 -0.71
N ILE A 93 13.11 1.86 -0.95
CA ILE A 93 12.45 0.93 -1.85
C ILE A 93 12.07 -0.32 -1.10
N TYR A 94 10.80 -0.73 -1.24
CA TYR A 94 10.29 -1.93 -0.62
C TYR A 94 9.78 -2.84 -1.70
N VAL A 95 10.26 -4.08 -1.68
CA VAL A 95 9.97 -5.02 -2.75
C VAL A 95 8.85 -6.00 -2.40
N ASP A 96 7.98 -6.22 -3.37
CA ASP A 96 6.93 -7.20 -3.30
C ASP A 96 7.57 -8.57 -3.54
N ALA A 97 7.69 -9.32 -2.43
CA ALA A 97 8.31 -10.63 -2.38
C ALA A 97 7.30 -11.75 -2.52
N VAL A 98 7.30 -12.38 -3.69
CA VAL A 98 6.38 -13.48 -3.97
C VAL A 98 7.10 -14.81 -3.72
N ILE A 99 6.80 -15.41 -2.58
CA ILE A 99 7.59 -16.50 -2.09
C ILE A 99 6.81 -17.71 -1.64
N ASN A 100 5.48 -17.63 -1.68
CA ASN A 100 4.64 -18.77 -1.31
C ASN A 100 4.61 -19.84 -2.39
N HIS A 101 4.83 -19.41 -3.63
CA HIS A 101 4.46 -20.17 -4.79
C HIS A 101 5.25 -19.78 -6.04
N MET A 102 5.18 -20.66 -7.03
CA MET A 102 5.70 -20.38 -8.37
C MET A 102 4.47 -20.17 -9.26
N CYS A 103 4.54 -20.54 -10.54
CA CYS A 103 3.42 -20.25 -11.42
C CYS A 103 2.34 -21.34 -11.37
N GLY A 104 1.29 -21.14 -12.15
CA GLY A 104 0.19 -22.10 -12.21
C GLY A 104 0.64 -23.47 -12.69
N SER A 105 0.14 -24.50 -12.02
CA SER A 105 0.46 -25.90 -12.30
C SER A 105 0.00 -26.31 -13.70
N GLY A 106 -0.96 -25.58 -14.26
CA GLY A 106 -1.49 -25.87 -15.58
C GLY A 106 -0.82 -25.14 -16.72
N ALA A 107 0.16 -24.31 -16.42
CA ALA A 107 0.82 -23.56 -17.49
C ALA A 107 1.67 -24.51 -18.30
N ALA A 108 1.85 -24.19 -19.56
CA ALA A 108 2.56 -25.05 -20.45
C ALA A 108 4.07 -24.89 -20.30
N ALA A 109 4.76 -25.99 -20.58
CA ALA A 109 6.20 -26.04 -20.56
C ALA A 109 6.74 -25.23 -21.72
N GLY A 110 7.80 -24.47 -21.48
CA GLY A 110 8.33 -23.59 -22.51
C GLY A 110 9.15 -22.41 -22.01
N THR A 111 9.50 -21.53 -22.93
CA THR A 111 10.22 -20.29 -22.55
C THR A 111 9.34 -19.04 -22.68
N GLY A 112 8.02 -19.19 -22.48
CA GLY A 112 7.07 -18.03 -22.45
C GLY A 112 7.14 -17.34 -21.09
N THR A 113 8.27 -16.69 -20.85
CA THR A 113 8.59 -16.10 -19.57
C THR A 113 9.25 -14.75 -19.86
N THR A 114 9.34 -13.87 -18.89
CA THR A 114 9.75 -12.50 -19.16
C THR A 114 11.23 -12.32 -19.42
N CYS A 115 12.05 -13.32 -19.05
N CYS A 115 12.05 -13.29 -19.01
CA CYS A 115 13.47 -13.29 -19.38
CA CYS A 115 13.48 -13.30 -19.34
C CYS A 115 13.89 -14.51 -20.22
C CYS A 115 13.79 -14.33 -20.44
N GLY A 116 12.94 -15.35 -20.59
CA GLY A 116 13.26 -16.46 -21.47
C GLY A 116 13.78 -17.70 -20.75
N SER A 117 13.72 -17.72 -19.43
CA SER A 117 13.99 -18.94 -18.71
C SER A 117 13.02 -20.04 -19.12
N TYR A 118 13.51 -21.27 -19.06
CA TYR A 118 12.69 -22.47 -19.30
C TYR A 118 12.03 -22.89 -17.98
N CYS A 119 10.80 -23.38 -18.06
CA CYS A 119 10.19 -24.05 -16.93
C CYS A 119 9.21 -25.08 -17.45
N ASN A 120 8.89 -26.05 -16.59
CA ASN A 120 7.90 -27.08 -16.90
C ASN A 120 7.06 -27.31 -15.68
N PRO A 121 5.98 -26.52 -15.57
CA PRO A 121 5.21 -26.53 -14.31
C PRO A 121 4.57 -27.86 -14.03
N GLY A 122 4.13 -28.56 -15.07
CA GLY A 122 3.50 -29.87 -14.90
C GLY A 122 4.46 -30.89 -14.31
N ASN A 123 5.76 -30.74 -14.57
CA ASN A 123 6.80 -31.58 -13.93
C ASN A 123 7.43 -30.94 -12.70
N ARG A 124 6.88 -29.78 -12.29
CA ARG A 124 7.46 -28.98 -11.20
C ARG A 124 8.93 -28.69 -11.41
N GLU A 125 9.27 -28.32 -12.65
N GLU A 125 9.34 -28.45 -12.66
CA GLU A 125 10.65 -28.11 -13.10
CA GLU A 125 10.75 -28.15 -12.96
C GLU A 125 10.92 -26.61 -13.36
C GLU A 125 10.95 -26.68 -13.34
N PHE A 126 11.83 -26.04 -12.57
CA PHE A 126 12.18 -24.64 -12.70
C PHE A 126 13.71 -24.59 -12.63
N PRO A 127 14.36 -24.90 -13.76
CA PRO A 127 15.79 -25.09 -13.70
C PRO A 127 16.59 -23.83 -13.43
N ALA A 128 15.99 -22.66 -13.61
CA ALA A 128 16.74 -21.39 -13.43
C ALA A 128 16.89 -21.01 -11.98
N VAL A 129 16.27 -21.78 -11.07
CA VAL A 129 16.37 -21.46 -9.64
C VAL A 129 17.55 -22.15 -8.94
N PRO A 130 17.61 -23.51 -8.94
CA PRO A 130 16.63 -24.46 -9.46
C PRO A 130 15.70 -25.06 -8.39
N TYR A 131 14.48 -25.37 -8.79
CA TYR A 131 13.53 -26.13 -8.00
C TYR A 131 13.15 -27.38 -8.75
N SER A 132 12.83 -28.43 -8.00
CA SER A 132 12.34 -29.68 -8.57
CA SER A 132 12.30 -29.66 -8.59
C SER A 132 11.10 -30.13 -7.79
N ALA A 133 10.54 -31.27 -8.21
CA ALA A 133 9.29 -31.73 -7.61
C ALA A 133 9.33 -31.86 -6.09
N TRP A 134 10.47 -32.24 -5.51
N TRP A 134 10.50 -32.20 -5.55
CA TRP A 134 10.51 -32.43 -4.04
CA TRP A 134 10.67 -32.42 -4.12
C TRP A 134 10.50 -31.06 -3.31
C TRP A 134 10.55 -31.09 -3.34
N ASP A 135 10.53 -29.97 -4.06
CA ASP A 135 10.52 -28.62 -3.47
C ASP A 135 9.13 -28.03 -3.32
N PHE A 136 8.08 -28.81 -3.63
CA PHE A 136 6.68 -28.34 -3.58
C PHE A 136 5.82 -29.21 -2.63
N ASN A 137 4.64 -28.70 -2.26
CA ASN A 137 3.82 -29.31 -1.21
C ASN A 137 2.77 -30.34 -1.69
N ASP A 138 2.88 -30.79 -2.94
CA ASP A 138 1.93 -31.75 -3.49
CA ASP A 138 1.94 -31.77 -3.50
C ASP A 138 1.64 -32.90 -2.52
N GLY A 139 2.67 -33.53 -1.98
CA GLY A 139 2.46 -34.65 -1.06
C GLY A 139 1.85 -34.27 0.28
N LYS A 140 1.87 -32.98 0.61
CA LYS A 140 1.52 -32.51 1.95
C LYS A 140 0.03 -32.16 2.02
N CYS A 141 -0.47 -31.62 0.92
CA CYS A 141 -1.85 -31.17 0.82
C CYS A 141 -2.74 -32.40 0.87
N LYS A 142 -3.80 -32.33 1.66
CA LYS A 142 -4.66 -33.50 1.93
C LYS A 142 -5.97 -33.43 1.18
N THR A 143 -6.16 -32.50 0.26
CA THR A 143 -7.47 -32.38 -0.36
C THR A 143 -7.48 -33.20 -1.64
N ALA A 144 -8.67 -33.61 -2.06
CA ALA A 144 -8.82 -34.40 -3.27
C ALA A 144 -8.37 -33.60 -4.48
N SER A 145 -8.69 -32.31 -4.49
CA SER A 145 -8.41 -31.48 -5.67
C SER A 145 -6.99 -30.98 -5.69
N GLY A 146 -6.31 -31.02 -4.55
CA GLY A 146 -5.00 -30.35 -4.43
C GLY A 146 -5.03 -28.86 -4.13
N GLY A 147 -6.22 -28.26 -4.18
CA GLY A 147 -6.38 -26.85 -3.87
C GLY A 147 -7.01 -26.63 -2.52
N ILE A 148 -7.33 -25.37 -2.23
CA ILE A 148 -7.91 -24.98 -0.97
C ILE A 148 -9.41 -25.11 -1.10
N GLU A 149 -9.96 -26.05 -0.36
CA GLU A 149 -11.38 -26.33 -0.46
C GLU A 149 -12.16 -25.72 0.70
N SER A 150 -11.47 -25.45 1.79
CA SER A 150 -12.08 -24.80 2.95
C SER A 150 -11.06 -23.93 3.67
N TYR A 151 -11.43 -22.68 3.86
CA TYR A 151 -10.63 -21.71 4.61
C TYR A 151 -10.77 -21.82 6.14
N ASN A 152 -11.61 -22.76 6.58
N ASN A 152 -11.59 -22.71 6.67
CA ASN A 152 -11.77 -23.13 8.01
CA ASN A 152 -11.56 -22.90 8.13
C ASN A 152 -10.61 -24.00 8.53
C ASN A 152 -10.63 -24.06 8.57
N ASP A 153 -9.90 -24.61 7.60
CA ASP A 153 -8.82 -25.53 7.90
CA ASP A 153 -8.82 -25.57 7.85
C ASP A 153 -7.46 -24.91 7.57
N PRO A 154 -6.73 -24.48 8.60
CA PRO A 154 -5.44 -23.81 8.39
C PRO A 154 -4.43 -24.62 7.59
N TYR A 155 -4.49 -25.95 7.71
CA TYR A 155 -3.54 -26.80 6.97
C TYR A 155 -3.71 -26.70 5.46
N GLN A 156 -4.96 -26.69 5.02
N GLN A 156 -4.93 -26.67 4.96
CA GLN A 156 -5.28 -26.57 3.59
CA GLN A 156 -5.06 -26.61 3.51
C GLN A 156 -4.81 -25.23 3.07
C GLN A 156 -4.89 -25.19 2.99
N VAL A 157 -5.14 -24.19 3.82
CA VAL A 157 -4.83 -22.83 3.42
C VAL A 157 -3.32 -22.69 3.17
N ARG A 158 -2.54 -23.34 4.03
CA ARG A 158 -1.08 -23.22 3.93
C ARG A 158 -0.34 -24.21 3.06
N ASP A 159 -0.84 -25.44 2.95
CA ASP A 159 -0.09 -26.52 2.29
C ASP A 159 -0.67 -26.88 0.93
N CYS A 160 -1.83 -26.34 0.61
CA CYS A 160 -2.46 -26.62 -0.67
C CYS A 160 -2.33 -25.47 -1.65
N GLN A 161 -2.72 -25.71 -2.89
CA GLN A 161 -2.53 -24.72 -3.95
C GLN A 161 -3.57 -23.58 -3.96
N LEU A 162 -3.06 -22.35 -3.82
CA LEU A 162 -3.85 -21.12 -3.98
C LEU A 162 -4.09 -20.88 -5.46
N VAL A 163 -5.37 -20.84 -5.87
CA VAL A 163 -5.79 -20.76 -7.29
C VAL A 163 -4.88 -21.52 -8.30
N GLY A 164 -4.53 -22.76 -7.97
CA GLY A 164 -3.71 -23.60 -8.85
C GLY A 164 -2.22 -23.29 -8.92
N LEU A 165 -1.76 -22.35 -8.10
CA LEU A 165 -0.33 -22.00 -8.13
C LEU A 165 0.50 -23.03 -7.37
N LEU A 166 1.65 -23.40 -7.94
CA LEU A 166 2.50 -24.41 -7.29
C LEU A 166 3.04 -23.90 -5.97
N ASP A 167 2.75 -24.66 -4.93
CA ASP A 167 2.97 -24.23 -3.54
C ASP A 167 4.32 -24.74 -3.01
N LEU A 168 5.22 -23.81 -2.72
CA LEU A 168 6.57 -24.16 -2.26
C LEU A 168 6.58 -24.78 -0.89
N ALA A 169 7.48 -25.75 -0.74
CA ALA A 169 7.66 -26.52 0.51
C ALA A 169 8.58 -25.71 1.43
N LEU A 170 7.97 -24.72 2.04
CA LEU A 170 8.68 -23.73 2.81
C LEU A 170 9.28 -24.27 4.12
N GLU A 171 8.95 -25.48 4.54
N GLU A 171 8.93 -25.49 4.51
CA GLU A 171 9.57 -26.03 5.74
CA GLU A 171 9.49 -26.16 5.70
C GLU A 171 10.98 -26.54 5.46
C GLU A 171 10.96 -26.56 5.45
N LYS A 172 11.32 -26.74 4.19
CA LYS A 172 12.63 -27.25 3.82
C LYS A 172 13.69 -26.16 3.82
N ASP A 173 14.83 -26.43 4.45
N ASP A 173 14.83 -26.45 4.44
CA ASP A 173 15.95 -25.48 4.47
CA ASP A 173 15.93 -25.50 4.51
C ASP A 173 16.39 -25.08 3.05
C ASP A 173 16.53 -25.15 3.12
N TYR A 174 16.37 -26.04 2.13
CA TYR A 174 16.82 -25.77 0.77
C TYR A 174 15.96 -24.67 0.14
N VAL A 175 14.66 -24.76 0.35
CA VAL A 175 13.73 -23.79 -0.20
C VAL A 175 13.85 -22.46 0.56
N ARG A 176 13.94 -22.51 1.86
CA ARG A 176 14.15 -21.29 2.65
C ARG A 176 15.38 -20.52 2.21
N SER A 177 16.47 -21.26 2.01
CA SER A 177 17.75 -20.72 1.59
C SER A 177 17.74 -20.13 0.20
N MET A 178 17.07 -20.77 -0.75
N MET A 178 17.04 -20.78 -0.72
CA MET A 178 16.97 -20.20 -2.11
CA MET A 178 16.93 -20.25 -2.08
C MET A 178 16.23 -18.86 -2.08
C MET A 178 16.23 -18.89 -2.07
N ILE A 179 15.20 -18.79 -1.24
CA ILE A 179 14.43 -17.56 -1.09
C ILE A 179 15.23 -16.50 -0.34
N ALA A 180 15.92 -16.88 0.72
CA ALA A 180 16.78 -15.92 1.43
C ALA A 180 17.87 -15.40 0.50
N ASP A 181 18.43 -16.25 -0.34
CA ASP A 181 19.49 -15.75 -1.24
C ASP A 181 19.01 -14.66 -2.17
N TYR A 182 17.78 -14.81 -2.63
CA TYR A 182 17.14 -13.82 -3.48
C TYR A 182 16.91 -12.52 -2.73
N LEU A 183 16.30 -12.60 -1.55
CA LEU A 183 16.02 -11.41 -0.76
C LEU A 183 17.30 -10.69 -0.33
N ASN A 184 18.33 -11.45 -0.01
CA ASN A 184 19.59 -10.89 0.44
C ASN A 184 20.34 -10.16 -0.65
N LYS A 185 20.21 -10.63 -1.87
CA LYS A 185 20.74 -9.93 -3.00
C LYS A 185 20.12 -8.55 -3.12
N LEU A 186 18.83 -8.49 -2.90
CA LEU A 186 18.10 -7.24 -2.98
CA LEU A 186 18.07 -7.26 -2.97
C LEU A 186 18.45 -6.32 -1.82
N ILE A 187 18.56 -6.87 -0.62
CA ILE A 187 19.01 -6.08 0.50
C ILE A 187 20.40 -5.44 0.23
N ASP A 188 21.33 -6.23 -0.30
CA ASP A 188 22.67 -5.72 -0.57
C ASP A 188 22.70 -4.67 -1.69
N ILE A 189 21.77 -4.74 -2.62
CA ILE A 189 21.60 -3.67 -3.61
C ILE A 189 21.13 -2.38 -2.94
N GLY A 190 20.38 -2.49 -1.86
CA GLY A 190 19.96 -1.30 -1.10
C GLY A 190 18.47 -1.20 -0.74
N VAL A 191 17.70 -2.25 -0.97
N VAL A 191 17.72 -2.27 -0.97
CA VAL A 191 16.28 -2.17 -0.61
CA VAL A 191 16.30 -2.34 -0.59
C VAL A 191 16.14 -2.24 0.91
C VAL A 191 16.19 -2.19 0.93
N ALA A 192 15.11 -1.56 1.38
CA ALA A 192 14.88 -1.33 2.83
C ALA A 192 13.94 -2.33 3.51
N GLY A 193 13.21 -3.10 2.72
CA GLY A 193 12.27 -4.06 3.28
C GLY A 193 11.38 -4.68 2.24
N PHE A 194 10.41 -5.45 2.71
CA PHE A 194 9.64 -6.33 1.85
C PHE A 194 8.15 -6.38 2.22
N ARG A 195 7.31 -6.43 1.19
CA ARG A 195 5.93 -6.86 1.39
C ARG A 195 5.98 -8.34 1.17
N ILE A 196 5.49 -9.13 2.12
CA ILE A 196 5.47 -10.57 1.92
CA ILE A 196 5.47 -10.56 1.91
C ILE A 196 4.10 -10.98 1.41
N ASP A 197 4.06 -11.23 0.13
CA ASP A 197 2.85 -11.63 -0.55
C ASP A 197 2.29 -12.95 0.01
N ALA A 198 0.97 -12.99 0.12
CA ALA A 198 0.22 -14.21 0.47
C ALA A 198 0.66 -14.89 1.77
N SER A 199 0.96 -14.08 2.78
CA SER A 199 1.43 -14.60 4.07
C SER A 199 0.47 -15.56 4.76
N LYS A 200 -0.82 -15.34 4.57
CA LYS A 200 -1.83 -16.23 5.09
C LYS A 200 -1.59 -17.67 4.61
N HIS A 201 -0.96 -17.82 3.45
CA HIS A 201 -0.81 -19.13 2.86
C HIS A 201 0.50 -19.80 3.23
N MET A 202 1.20 -19.18 4.19
CA MET A 202 2.46 -19.71 4.74
C MET A 202 2.31 -19.84 6.26
N TRP A 203 3.06 -20.75 6.83
CA TRP A 203 3.11 -20.87 8.27
C TRP A 203 3.97 -19.76 8.84
N PRO A 204 3.51 -19.08 9.92
CA PRO A 204 4.30 -18.00 10.52
C PRO A 204 5.73 -18.40 10.78
N GLY A 205 5.94 -19.63 11.26
CA GLY A 205 7.28 -20.14 11.56
C GLY A 205 8.17 -20.36 10.35
N ASP A 206 7.60 -20.66 9.20
CA ASP A 206 8.41 -20.79 8.01
C ASP A 206 8.87 -19.42 7.52
N ILE A 207 7.98 -18.45 7.52
CA ILE A 207 8.40 -17.07 7.24
C ILE A 207 9.55 -16.62 8.16
N LYS A 208 9.40 -16.87 9.45
CA LYS A 208 10.39 -16.52 10.44
CA LYS A 208 10.40 -16.50 10.43
C LYS A 208 11.76 -17.13 10.12
N ALA A 209 11.76 -18.39 9.72
CA ALA A 209 13.03 -19.05 9.42
C ALA A 209 13.69 -18.42 8.23
N VAL A 210 12.91 -17.87 7.31
CA VAL A 210 13.49 -17.16 6.18
C VAL A 210 14.04 -15.80 6.63
N LEU A 211 13.26 -15.10 7.41
CA LEU A 211 13.66 -13.77 7.85
C LEU A 211 14.92 -13.82 8.69
N ASP A 212 15.11 -14.88 9.47
CA ASP A 212 16.32 -15.00 10.28
C ASP A 212 17.60 -15.08 9.46
N LYS A 213 17.51 -15.37 8.18
CA LYS A 213 18.70 -15.49 7.31
C LYS A 213 19.12 -14.19 6.63
N LEU A 214 18.37 -13.12 6.85
CA LEU A 214 18.46 -11.92 6.04
C LEU A 214 19.54 -11.02 6.59
N HIS A 215 20.26 -10.40 5.66
CA HIS A 215 21.33 -9.48 5.97
C HIS A 215 20.79 -8.22 6.62
N ASN A 216 21.66 -7.59 7.39
CA ASN A 216 21.45 -6.20 7.78
C ASN A 216 21.48 -5.30 6.55
N LEU A 217 20.84 -4.15 6.65
CA LEU A 217 20.70 -3.26 5.52
C LEU A 217 22.05 -2.63 5.13
N ASN A 218 22.15 -2.22 3.88
CA ASN A 218 23.36 -1.69 3.32
C ASN A 218 23.80 -0.38 4.00
N THR A 219 24.99 -0.37 4.63
CA THR A 219 25.46 0.78 5.36
C THR A 219 25.87 2.03 4.55
N ASN A 220 25.74 2.00 3.23
N ASN A 220 25.75 2.02 3.24
CA ASN A 220 25.85 3.25 2.45
CA ASN A 220 25.90 3.29 2.51
C ASN A 220 24.75 4.20 2.82
C ASN A 220 24.71 4.21 2.70
N TRP A 221 23.58 3.67 3.15
CA TRP A 221 22.41 4.48 3.40
C TRP A 221 21.79 4.30 4.77
N PHE A 222 22.08 3.20 5.46
CA PHE A 222 21.43 2.90 6.72
C PHE A 222 22.46 2.71 7.82
N PRO A 223 22.07 2.97 9.08
CA PRO A 223 22.97 2.68 10.19
C PRO A 223 23.32 1.18 10.32
N ALA A 224 24.49 0.90 10.86
CA ALA A 224 24.91 -0.48 11.12
C ALA A 224 23.89 -1.19 11.98
N GLY A 225 23.71 -2.47 11.75
CA GLY A 225 22.78 -3.23 12.57
C GLY A 225 21.32 -3.02 12.23
N SER A 226 21.00 -2.40 11.09
CA SER A 226 19.59 -2.12 10.75
C SER A 226 18.93 -3.35 10.14
N ARG A 227 17.72 -3.67 10.59
CA ARG A 227 16.99 -4.81 10.05
C ARG A 227 15.96 -4.38 9.02
N PRO A 228 15.73 -5.21 8.00
CA PRO A 228 14.73 -4.92 7.00
C PRO A 228 13.34 -4.79 7.54
N PHE A 229 12.58 -3.82 6.99
CA PHE A 229 11.21 -3.63 7.36
C PHE A 229 10.39 -4.74 6.71
N ILE A 230 9.56 -5.42 7.51
CA ILE A 230 8.69 -6.49 7.03
C ILE A 230 7.22 -6.17 7.21
N PHE A 231 6.46 -6.18 6.13
CA PHE A 231 5.03 -6.19 6.28
C PHE A 231 4.41 -7.34 5.52
N GLN A 232 3.49 -8.04 6.19
CA GLN A 232 2.99 -9.30 5.68
C GLN A 232 1.57 -9.15 5.20
N GLU A 233 1.27 -9.62 4.00
CA GLU A 233 -0.12 -9.55 3.52
C GLU A 233 -0.90 -10.74 4.08
N VAL A 234 -1.70 -10.47 5.09
CA VAL A 234 -2.63 -11.40 5.66
C VAL A 234 -3.98 -10.69 5.61
N ILE A 235 -4.91 -11.29 4.89
CA ILE A 235 -6.27 -10.82 4.84
C ILE A 235 -7.05 -11.49 5.96
N ASP A 236 -7.45 -10.72 6.96
CA ASP A 236 -8.22 -11.25 8.09
C ASP A 236 -9.22 -10.21 8.51
N LEU A 237 -10.46 -10.41 8.09
CA LEU A 237 -11.53 -9.48 8.45
C LEU A 237 -12.28 -9.95 9.69
N GLY A 238 -11.72 -10.90 10.44
CA GLY A 238 -12.37 -11.39 11.64
C GLY A 238 -13.20 -12.64 11.33
N GLY A 239 -13.40 -13.46 12.32
CA GLY A 239 -14.21 -14.67 12.09
C GLY A 239 -13.70 -15.62 11.01
N GLU A 240 -12.37 -15.76 10.95
N GLU A 240 -12.40 -15.84 10.94
CA GLU A 240 -11.68 -16.74 10.10
CA GLU A 240 -11.89 -16.95 10.14
C GLU A 240 -10.85 -17.68 11.00
C GLU A 240 -10.75 -17.61 10.91
N ALA A 241 -10.38 -18.80 10.46
CA ALA A 241 -9.52 -19.70 11.23
C ALA A 241 -8.09 -19.17 11.46
N ILE A 242 -7.53 -18.49 10.47
CA ILE A 242 -6.19 -17.87 10.62
C ILE A 242 -6.35 -16.42 11.04
N GLN A 243 -5.54 -15.97 11.99
CA GLN A 243 -5.63 -14.60 12.47
C GLN A 243 -4.37 -13.79 12.18
N SER A 244 -4.52 -12.49 11.99
N SER A 244 -4.51 -12.49 11.98
CA SER A 244 -3.39 -11.63 11.72
CA SER A 244 -3.36 -11.62 11.77
C SER A 244 -2.38 -11.67 12.87
C SER A 244 -2.35 -11.77 12.87
N SER A 245 -2.86 -11.92 14.08
CA SER A 245 -2.00 -11.91 15.26
C SER A 245 -1.04 -13.08 15.26
N GLU A 246 -1.26 -14.10 14.44
CA GLU A 246 -0.30 -15.20 14.39
C GLU A 246 1.02 -14.75 13.76
N TYR A 247 1.02 -13.62 13.06
CA TYR A 247 2.18 -13.12 12.33
C TYR A 247 2.92 -11.93 12.99
N PHE A 248 2.50 -11.52 14.19
CA PHE A 248 3.06 -10.33 14.83
C PHE A 248 4.53 -10.46 15.14
N GLY A 249 5.03 -11.68 15.25
CA GLY A 249 6.42 -11.90 15.66
C GLY A 249 7.37 -11.73 14.48
N ASN A 250 6.84 -11.62 13.28
CA ASN A 250 7.71 -11.50 12.10
C ASN A 250 7.85 -10.07 11.60
N GLY A 251 6.92 -9.21 11.95
CA GLY A 251 6.86 -7.90 11.32
C GLY A 251 5.48 -7.34 11.42
N ARG A 252 5.23 -6.26 10.70
CA ARG A 252 3.91 -5.70 10.60
C ARG A 252 3.01 -6.57 9.73
N VAL A 253 1.72 -6.28 9.76
CA VAL A 253 0.73 -7.01 9.01
C VAL A 253 -0.25 -6.01 8.40
N THR A 254 -0.65 -6.26 7.17
CA THR A 254 -1.69 -5.47 6.52
C THR A 254 -2.95 -5.59 7.32
N GLU A 255 -3.52 -4.45 7.73
CA GLU A 255 -4.81 -4.43 8.42
C GLU A 255 -5.94 -4.14 7.43
N PHE A 256 -6.51 -5.18 6.84
CA PHE A 256 -7.56 -5.00 5.81
C PHE A 256 -8.89 -4.58 6.41
N LYS A 257 -9.03 -4.68 7.73
CA LYS A 257 -10.25 -4.19 8.34
C LYS A 257 -10.39 -2.69 8.18
N TYR A 258 -9.26 -2.03 8.09
CA TYR A 258 -9.19 -0.56 8.08
C TYR A 258 -9.92 0.03 6.86
N GLY A 259 -9.54 -0.36 5.67
CA GLY A 259 -10.17 0.18 4.49
C GLY A 259 -11.59 -0.28 4.28
N ALA A 260 -11.86 -1.51 4.67
CA ALA A 260 -13.19 -2.05 4.53
C ALA A 260 -14.13 -1.28 5.40
N LYS A 261 -13.74 -1.06 6.66
CA LYS A 261 -14.63 -0.33 7.59
CA LYS A 261 -14.65 -0.34 7.56
C LYS A 261 -14.69 1.16 7.27
N LEU A 262 -13.56 1.76 6.89
CA LEU A 262 -13.57 3.19 6.59
C LEU A 262 -14.42 3.49 5.36
N GLY A 263 -14.37 2.58 4.40
CA GLY A 263 -15.12 2.77 3.15
C GLY A 263 -16.60 2.75 3.46
N THR A 264 -17.00 1.82 4.31
CA THR A 264 -18.40 1.71 4.66
C THR A 264 -18.92 2.98 5.38
N VAL A 265 -18.08 3.53 6.25
CA VAL A 265 -18.43 4.73 7.00
C VAL A 265 -18.51 5.92 6.09
N VAL A 266 -17.47 6.17 5.30
CA VAL A 266 -17.47 7.35 4.41
C VAL A 266 -18.64 7.31 3.42
N ARG A 267 -18.99 6.10 2.95
CA ARG A 267 -20.17 5.94 2.11
C ARG A 267 -21.49 5.99 2.85
N LYS A 268 -21.44 5.96 4.17
CA LYS A 268 -22.68 5.95 4.97
C LYS A 268 -23.58 4.73 4.68
N TRP A 269 -22.96 3.57 4.43
CA TRP A 269 -23.68 2.31 4.31
C TRP A 269 -23.87 1.63 5.68
N SER A 270 -24.83 0.70 5.74
CA SER A 270 -25.09 -0.15 6.92
C SER A 270 -25.28 0.61 8.22
N GLY A 271 -25.88 1.77 8.18
CA GLY A 271 -26.11 2.59 9.38
C GLY A 271 -24.90 3.36 9.91
N GLU A 272 -23.76 3.29 9.24
CA GLU A 272 -22.53 3.89 9.76
C GLU A 272 -22.49 5.41 9.57
N LYS A 273 -21.82 6.10 10.49
CA LYS A 273 -21.70 7.56 10.52
CA LYS A 273 -21.70 7.55 10.48
C LYS A 273 -20.28 7.94 10.88
N MET A 274 -19.80 9.06 10.35
CA MET A 274 -18.44 9.52 10.64
CA MET A 274 -18.44 9.49 10.64
C MET A 274 -18.24 9.79 12.12
N SER A 275 -19.28 10.21 12.81
CA SER A 275 -19.13 10.39 14.26
C SER A 275 -18.69 9.16 15.05
N TYR A 276 -18.89 7.94 14.52
CA TYR A 276 -18.45 6.71 15.21
C TYR A 276 -16.95 6.51 15.20
N LEU A 277 -16.25 7.31 14.37
CA LEU A 277 -14.80 7.24 14.25
C LEU A 277 -14.05 7.85 15.46
N LYS A 278 -14.80 8.37 16.43
CA LYS A 278 -14.20 8.94 17.62
C LYS A 278 -13.13 8.03 18.20
N ASN A 279 -13.39 6.72 18.23
N ASN A 279 -13.41 6.73 18.26
CA ASN A 279 -12.46 5.74 18.81
CA ASN A 279 -12.48 5.73 18.80
C ASN A 279 -11.78 4.85 17.76
C ASN A 279 -11.85 4.83 17.74
N TRP A 280 -11.65 5.36 16.55
CA TRP A 280 -10.99 4.65 15.49
C TRP A 280 -9.62 4.15 15.91
N GLY A 281 -9.29 2.96 15.49
CA GLY A 281 -8.05 2.31 15.88
C GLY A 281 -8.32 1.04 16.64
N GLU A 282 -7.53 0.76 17.67
CA GLU A 282 -7.73 -0.47 18.44
CA GLU A 282 -7.69 -0.42 18.53
C GLU A 282 -9.16 -0.54 18.96
N GLY A 283 -9.77 0.62 19.22
CA GLY A 283 -11.18 0.71 19.62
C GLY A 283 -12.20 0.07 18.70
N TRP A 284 -11.89 -0.03 17.41
CA TRP A 284 -12.73 -0.75 16.45
C TRP A 284 -12.31 -2.24 16.28
N GLY A 285 -11.47 -2.76 17.17
CA GLY A 285 -11.03 -4.17 17.07
C GLY A 285 -9.86 -4.41 16.13
N PHE A 286 -9.11 -3.36 15.81
CA PHE A 286 -8.00 -3.48 14.89
C PHE A 286 -6.80 -3.95 15.69
N MET A 287 -5.80 -4.49 14.99
CA MET A 287 -4.54 -4.89 15.59
C MET A 287 -3.82 -3.67 16.21
N PRO A 288 -2.77 -3.93 17.01
CA PRO A 288 -2.09 -2.80 17.61
C PRO A 288 -1.49 -1.89 16.58
N SER A 289 -1.52 -0.59 16.86
CA SER A 289 -1.04 0.38 15.90
C SER A 289 0.39 0.13 15.46
N ASP A 290 1.26 -0.31 16.39
CA ASP A 290 2.67 -0.54 16.08
CA ASP A 290 2.67 -0.49 16.05
C ASP A 290 2.91 -1.82 15.30
N ARG A 291 1.85 -2.57 14.99
CA ARG A 291 1.97 -3.73 14.11
C ARG A 291 1.29 -3.55 12.76
N ALA A 292 0.53 -2.47 12.61
CA ALA A 292 -0.30 -2.27 11.44
C ALA A 292 0.32 -1.49 10.28
N LEU A 293 0.11 -2.02 9.08
CA LEU A 293 0.24 -1.27 7.86
C LEU A 293 -1.16 -0.98 7.33
N VAL A 294 -1.50 0.28 7.10
CA VAL A 294 -2.87 0.61 6.71
C VAL A 294 -2.91 1.31 5.40
N PHE A 295 -4.11 1.32 4.82
CA PHE A 295 -4.32 1.83 3.45
C PHE A 295 -5.81 1.87 3.21
N VAL A 296 -6.24 2.71 2.28
CA VAL A 296 -7.64 2.79 1.94
C VAL A 296 -8.03 1.70 0.91
N ASP A 297 -7.26 1.62 -0.15
CA ASP A 297 -7.37 0.56 -1.15
C ASP A 297 -5.99 -0.04 -1.43
N ASN A 298 -5.95 -1.27 -1.95
CA ASN A 298 -4.71 -1.79 -2.54
C ASN A 298 -4.93 -2.24 -4.00
N HIS A 299 -3.90 -2.77 -4.62
CA HIS A 299 -3.98 -3.09 -6.01
C HIS A 299 -5.03 -4.17 -6.32
N ASP A 300 -5.35 -5.01 -5.35
N ASP A 300 -5.30 -5.00 -5.31
CA ASP A 300 -6.31 -6.07 -5.63
CA ASP A 300 -6.18 -6.16 -5.39
C ASP A 300 -7.72 -5.60 -5.35
C ASP A 300 -7.64 -5.68 -5.30
N ASN A 301 -7.95 -5.05 -4.16
CA ASN A 301 -9.33 -4.72 -3.79
C ASN A 301 -9.84 -3.45 -4.43
N GLN A 302 -8.99 -2.69 -5.12
CA GLN A 302 -9.50 -1.54 -5.91
C GLN A 302 -10.27 -2.02 -7.14
N ARG A 303 -10.11 -3.29 -7.47
CA ARG A 303 -10.86 -3.91 -8.56
C ARG A 303 -12.22 -4.45 -8.11
N GLY A 304 -12.53 -4.30 -6.83
CA GLY A 304 -13.92 -4.37 -6.34
C GLY A 304 -14.44 -5.69 -5.82
N HIS A 305 -13.69 -6.76 -6.02
N HIS A 305 -13.71 -6.77 -6.03
CA HIS A 305 -14.11 -8.05 -5.47
CA HIS A 305 -14.11 -8.05 -5.47
C HIS A 305 -13.01 -8.68 -4.62
C HIS A 305 -12.96 -8.68 -4.67
N GLY A 306 -12.29 -7.85 -3.87
CA GLY A 306 -11.27 -8.34 -2.93
C GLY A 306 -11.77 -8.10 -1.51
N ALA A 307 -10.83 -8.11 -0.56
CA ALA A 307 -11.15 -7.88 0.83
C ALA A 307 -11.84 -6.53 1.01
N GLY A 308 -13.09 -6.55 1.44
CA GLY A 308 -13.87 -5.34 1.63
C GLY A 308 -14.90 -5.16 0.54
N GLY A 309 -14.70 -5.85 -0.60
CA GLY A 309 -15.70 -5.83 -1.66
C GLY A 309 -16.03 -4.46 -2.22
N ALA A 310 -17.32 -4.19 -2.34
CA ALA A 310 -17.84 -2.95 -2.92
C ALA A 310 -17.68 -1.71 -2.03
N SER A 311 -17.42 -1.92 -0.75
N SER A 311 -17.39 -1.89 -0.75
CA SER A 311 -17.28 -0.81 0.18
CA SER A 311 -17.30 -0.76 0.14
C SER A 311 -16.01 -0.05 -0.14
C SER A 311 -15.97 -0.06 -0.02
N ILE A 312 -15.01 -0.75 -0.63
CA ILE A 312 -13.69 -0.15 -0.82
C ILE A 312 -13.75 1.08 -1.69
N LEU A 313 -13.11 2.16 -1.24
CA LEU A 313 -13.07 3.42 -2.02
C LEU A 313 -11.82 3.48 -2.89
N THR A 314 -11.94 4.09 -4.07
CA THR A 314 -10.84 4.17 -5.02
C THR A 314 -10.85 5.47 -5.79
N PHE A 315 -9.84 5.68 -6.63
CA PHE A 315 -9.78 6.88 -7.48
C PHE A 315 -11.03 7.05 -8.33
N TRP A 316 -11.80 6.00 -8.57
CA TRP A 316 -13.02 6.15 -9.39
C TRP A 316 -14.06 6.95 -8.63
N ASP A 317 -13.94 6.92 -7.31
N ASP A 317 -14.04 6.89 -7.32
CA ASP A 317 -14.85 7.62 -6.41
CA ASP A 317 -14.95 7.71 -6.52
C ASP A 317 -14.15 8.85 -5.83
C ASP A 317 -14.09 8.77 -5.86
N ALA A 318 -13.55 9.63 -6.71
CA ALA A 318 -12.53 10.61 -6.31
C ALA A 318 -12.84 11.47 -5.10
N ARG A 319 -14.04 12.04 -5.04
CA ARG A 319 -14.39 12.96 -3.99
C ARG A 319 -14.40 12.28 -2.61
N LEU A 320 -14.98 11.09 -2.51
CA LEU A 320 -15.05 10.42 -1.20
C LEU A 320 -13.70 9.75 -0.89
N TYR A 321 -12.98 9.39 -1.93
CA TYR A 321 -11.69 8.77 -1.76
C TYR A 321 -10.72 9.73 -1.07
N LYS A 322 -10.74 10.98 -1.52
CA LYS A 322 -9.88 11.99 -0.93
C LYS A 322 -10.24 12.22 0.53
N VAL A 323 -11.52 12.18 0.87
CA VAL A 323 -11.97 12.28 2.26
C VAL A 323 -11.37 11.14 3.08
N ALA A 324 -11.48 9.91 2.60
CA ALA A 324 -10.97 8.76 3.34
C ALA A 324 -9.46 8.75 3.49
N VAL A 325 -8.74 9.06 2.40
CA VAL A 325 -7.32 9.14 2.43
C VAL A 325 -6.90 10.26 3.40
N GLY A 326 -7.60 11.37 3.35
CA GLY A 326 -7.32 12.50 4.24
C GLY A 326 -7.44 12.11 5.71
N PHE A 327 -8.52 11.43 6.03
CA PHE A 327 -8.73 10.95 7.40
C PHE A 327 -7.63 10.01 7.86
N MET A 328 -7.26 9.07 6.99
CA MET A 328 -6.20 8.14 7.26
C MET A 328 -4.88 8.82 7.57
N LEU A 329 -4.50 9.75 6.71
CA LEU A 329 -3.21 10.38 6.80
C LEU A 329 -3.16 11.33 7.98
N ALA A 330 -4.30 11.83 8.41
CA ALA A 330 -4.37 12.67 9.60
C ALA A 330 -4.35 11.88 10.89
N HIS A 331 -4.88 10.65 10.86
CA HIS A 331 -5.07 9.90 12.10
C HIS A 331 -3.81 9.15 12.53
N PRO A 332 -3.53 9.11 13.85
CA PRO A 332 -2.26 8.54 14.32
C PRO A 332 -2.07 7.03 14.15
N TYR A 333 -3.16 6.27 13.95
CA TYR A 333 -3.07 4.82 13.86
C TYR A 333 -2.33 4.32 12.64
N GLY A 334 -1.35 3.44 12.87
CA GLY A 334 -0.76 2.64 11.86
C GLY A 334 0.29 3.37 11.03
N PHE A 335 0.91 2.62 10.12
CA PHE A 335 1.85 3.17 9.19
C PHE A 335 1.17 3.12 7.84
N THR A 336 1.23 4.23 7.10
CA THR A 336 0.30 4.50 6.03
C THR A 336 0.90 4.29 4.66
N ARG A 337 0.16 3.57 3.83
CA ARG A 337 0.49 3.37 2.47
C ARG A 337 -0.56 4.02 1.56
N VAL A 338 -0.05 4.77 0.60
CA VAL A 338 -0.86 5.49 -0.35
C VAL A 338 -0.78 4.73 -1.67
N MET A 339 -1.89 4.63 -2.37
CA MET A 339 -1.97 3.87 -3.60
C MET A 339 -1.73 4.81 -4.80
N SER A 340 -1.15 4.30 -5.89
CA SER A 340 -1.00 5.04 -7.15
CA SER A 340 -1.01 5.04 -7.13
C SER A 340 -1.34 4.08 -8.26
N SER A 341 -2.32 4.47 -9.08
CA SER A 341 -2.98 3.54 -9.97
C SER A 341 -2.83 3.84 -11.45
N TYR A 342 -3.32 2.89 -12.26
CA TYR A 342 -3.63 3.16 -13.64
C TYR A 342 -5.14 2.98 -13.94
N ARG A 343 -5.55 3.62 -15.02
N ARG A 343 -5.61 3.70 -14.96
CA ARG A 343 -6.94 3.65 -15.46
CA ARG A 343 -7.01 3.57 -15.37
C ARG A 343 -7.14 2.46 -16.41
C ARG A 343 -7.11 2.38 -16.31
N TRP A 344 -8.30 1.81 -16.35
CA TRP A 344 -8.61 0.71 -17.25
C TRP A 344 -10.08 0.80 -17.58
N ALA A 345 -10.46 0.16 -18.68
CA ALA A 345 -11.83 0.13 -19.12
C ALA A 345 -12.66 -0.85 -18.29
N ARG A 346 -13.37 -0.37 -17.27
CA ARG A 346 -14.24 -1.24 -16.49
C ARG A 346 -15.43 -1.71 -17.32
N ASN A 347 -15.88 -2.93 -17.06
CA ASN A 347 -17.01 -3.47 -17.76
C ASN A 347 -17.77 -4.38 -16.80
N PHE A 348 -18.92 -3.92 -16.35
CA PHE A 348 -19.64 -4.58 -15.27
C PHE A 348 -20.71 -5.48 -15.85
N VAL A 349 -20.65 -6.74 -15.47
CA VAL A 349 -21.62 -7.72 -15.90
C VAL A 349 -22.05 -8.39 -14.62
N ASN A 350 -23.30 -8.14 -14.23
CA ASN A 350 -23.83 -8.61 -12.96
C ASN A 350 -22.95 -8.22 -11.78
N GLY A 351 -22.72 -6.91 -11.60
CA GLY A 351 -21.91 -6.38 -10.48
C GLY A 351 -20.47 -6.87 -10.39
N GLN A 352 -19.94 -7.31 -11.53
CA GLN A 352 -18.59 -7.86 -11.61
C GLN A 352 -17.87 -7.20 -12.79
N ASP A 353 -16.71 -6.61 -12.53
CA ASP A 353 -15.94 -6.01 -13.61
C ASP A 353 -15.19 -7.14 -14.26
N VAL A 354 -15.59 -7.48 -15.48
CA VAL A 354 -14.93 -8.55 -16.23
C VAL A 354 -13.61 -8.09 -16.87
N ASN A 355 -13.30 -6.80 -16.81
CA ASN A 355 -12.00 -6.33 -17.27
C ASN A 355 -11.03 -6.05 -16.13
N ASP A 356 -11.23 -6.68 -14.98
CA ASP A 356 -10.36 -6.48 -13.82
CA ASP A 356 -10.35 -6.43 -13.83
C ASP A 356 -8.96 -7.06 -14.02
N TRP A 357 -8.77 -7.79 -15.10
CA TRP A 357 -7.46 -8.40 -15.41
C TRP A 357 -6.50 -7.43 -16.09
N ILE A 358 -7.04 -6.40 -16.70
CA ILE A 358 -6.27 -5.59 -17.62
C ILE A 358 -4.99 -5.05 -16.95
N GLY A 359 -3.90 -5.12 -17.67
CA GLY A 359 -2.61 -4.74 -17.12
C GLY A 359 -2.31 -3.28 -17.37
N PRO A 360 -1.08 -2.86 -17.06
CA PRO A 360 -0.82 -1.44 -17.14
C PRO A 360 -0.81 -0.89 -18.56
N PRO A 361 -0.96 0.43 -18.69
CA PRO A 361 -0.94 1.08 -20.00
C PRO A 361 0.24 0.58 -20.79
N ASN A 362 -0.01 0.19 -22.03
CA ASN A 362 1.02 -0.47 -22.80
C ASN A 362 0.82 -0.30 -24.29
N ASN A 363 1.93 -0.37 -25.02
CA ASN A 363 1.89 -0.50 -26.49
C ASN A 363 2.29 -1.91 -26.86
N ASN A 364 1.31 -2.69 -27.28
CA ASN A 364 1.57 -4.07 -27.66
C ASN A 364 2.38 -4.84 -26.62
N GLY A 365 1.95 -4.72 -25.37
CA GLY A 365 2.59 -5.40 -24.26
C GLY A 365 3.77 -4.67 -23.61
N VAL A 366 4.22 -3.57 -24.20
CA VAL A 366 5.36 -2.80 -23.64
C VAL A 366 4.81 -1.64 -22.81
N ILE A 367 5.16 -1.61 -21.53
CA ILE A 367 4.56 -0.64 -20.63
C ILE A 367 4.91 0.79 -21.09
N LYS A 368 3.92 1.67 -21.13
CA LYS A 368 4.10 3.08 -21.49
C LYS A 368 4.80 3.87 -20.40
N GLU A 369 5.56 4.87 -20.84
CA GLU A 369 6.27 5.72 -19.90
CA GLU A 369 6.26 5.78 -19.94
C GLU A 369 5.24 6.55 -19.13
N VAL A 370 5.63 7.00 -17.95
CA VAL A 370 4.81 7.96 -17.22
C VAL A 370 5.20 9.34 -17.71
N THR A 371 4.25 10.01 -18.35
CA THR A 371 4.48 11.38 -18.76
C THR A 371 3.90 12.33 -17.73
N ILE A 372 4.56 13.49 -17.58
CA ILE A 372 4.17 14.52 -16.62
C ILE A 372 3.68 15.74 -17.38
N ASN A 373 2.46 16.14 -17.12
CA ASN A 373 1.90 17.34 -17.73
C ASN A 373 2.29 18.64 -16.99
N ALA A 374 2.20 19.76 -17.72
CA ALA A 374 2.42 21.09 -17.16
C ALA A 374 1.76 21.27 -15.78
N ASP A 375 0.51 20.81 -15.62
CA ASP A 375 -0.24 20.97 -14.36
C ASP A 375 0.13 19.98 -13.27
N THR A 376 1.22 19.24 -13.50
CA THR A 376 1.78 18.22 -12.61
C THR A 376 0.99 16.89 -12.53
N THR A 377 -0.08 16.73 -13.31
CA THR A 377 -0.76 15.44 -13.46
C THR A 377 0.03 14.53 -14.41
N CYS A 378 -0.34 13.25 -14.46
CA CYS A 378 0.36 12.29 -15.31
C CYS A 378 -0.49 12.05 -16.53
N GLY A 379 0.16 11.69 -17.63
CA GLY A 379 -0.56 11.25 -18.79
C GLY A 379 -0.44 9.75 -19.02
N ASN A 380 -0.76 9.31 -20.24
CA ASN A 380 -0.70 7.89 -20.60
C ASN A 380 -1.54 6.98 -19.69
N ASP A 381 -2.58 7.55 -19.08
CA ASP A 381 -3.57 6.81 -18.26
C ASP A 381 -3.05 6.31 -16.91
N TRP A 382 -1.93 6.86 -16.46
CA TRP A 382 -1.52 6.68 -15.08
C TRP A 382 -2.31 7.68 -14.25
N VAL A 383 -2.97 7.24 -13.17
CA VAL A 383 -3.79 8.14 -12.37
C VAL A 383 -2.94 9.07 -11.48
N CYS A 384 -1.86 8.55 -10.91
CA CYS A 384 -0.97 9.38 -10.10
C CYS A 384 -1.66 10.10 -8.95
N GLU A 385 -2.41 9.33 -8.15
CA GLU A 385 -3.10 9.85 -7.00
C GLU A 385 -2.15 10.55 -6.07
N HIS A 386 -0.94 10.04 -6.01
CA HIS A 386 0.08 10.61 -5.13
C HIS A 386 0.46 12.02 -5.49
N ARG A 387 0.08 12.46 -6.70
CA ARG A 387 0.36 13.82 -7.18
C ARG A 387 -0.85 14.73 -7.04
N TRP A 388 -2.03 14.21 -6.71
CA TRP A 388 -3.19 15.07 -6.43
C TRP A 388 -2.88 15.97 -5.24
N ARG A 389 -3.25 17.24 -5.33
CA ARG A 389 -2.83 18.21 -4.31
C ARG A 389 -3.30 17.77 -2.93
N GLN A 390 -4.53 17.30 -2.88
CA GLN A 390 -5.19 16.94 -1.64
C GLN A 390 -4.53 15.80 -0.94
N ILE A 391 -3.93 14.88 -1.70
CA ILE A 391 -3.18 13.76 -1.15
C ILE A 391 -1.72 14.12 -0.80
N ARG A 392 -1.02 14.74 -1.73
N ARG A 392 -1.05 14.74 -1.76
CA ARG A 392 0.33 15.15 -1.46
CA ARG A 392 0.29 15.23 -1.57
C ARG A 392 0.37 16.01 -0.21
C ARG A 392 0.42 16.09 -0.32
N ASN A 393 -0.54 16.97 -0.07
CA ASN A 393 -0.47 17.86 1.08
C ASN A 393 -0.82 17.17 2.40
N MET A 394 -1.66 16.15 2.35
CA MET A 394 -1.94 15.34 3.55
C MET A 394 -0.78 14.39 3.91
N VAL A 395 0.00 13.98 2.90
CA VAL A 395 1.26 13.30 3.17
C VAL A 395 2.22 14.20 3.98
N TRP A 396 2.34 15.46 3.58
N TRP A 396 2.32 15.45 3.56
CA TRP A 396 3.16 16.39 4.30
CA TRP A 396 3.11 16.48 4.25
C TRP A 396 2.58 16.62 5.72
C TRP A 396 2.58 16.73 5.68
N PHE A 397 1.26 16.78 5.82
CA PHE A 397 0.59 16.96 7.12
C PHE A 397 1.02 15.89 8.13
N ARG A 398 1.02 14.64 7.71
CA ARG A 398 1.39 13.53 8.57
C ARG A 398 2.82 13.61 9.06
N ASN A 399 3.74 14.00 8.16
CA ASN A 399 5.11 14.30 8.56
C ASN A 399 5.14 15.41 9.64
N VAL A 400 4.45 16.50 9.42
CA VAL A 400 4.49 17.66 10.29
C VAL A 400 3.98 17.34 11.70
N VAL A 401 2.95 16.51 11.79
CA VAL A 401 2.34 16.23 13.08
C VAL A 401 2.85 14.95 13.70
N ASP A 402 3.81 14.29 13.06
CA ASP A 402 4.27 12.98 13.57
C ASP A 402 4.64 13.09 15.02
N GLY A 403 4.12 12.17 15.82
CA GLY A 403 4.39 12.13 17.25
C GLY A 403 3.40 12.85 18.15
N GLN A 404 2.49 13.63 17.58
CA GLN A 404 1.57 14.43 18.37
C GLN A 404 0.31 13.62 18.61
N PRO A 405 -0.23 13.71 19.82
CA PRO A 405 -1.40 12.91 20.16
C PRO A 405 -2.68 13.34 19.50
N PHE A 406 -3.58 12.40 19.36
CA PHE A 406 -4.94 12.68 18.96
C PHE A 406 -5.55 13.62 20.00
N ALA A 407 -6.26 14.66 19.57
CA ALA A 407 -6.79 15.65 20.51
C ALA A 407 -7.92 16.44 19.91
N ASN A 408 -8.69 17.09 20.79
CA ASN A 408 -9.73 18.04 20.38
C ASN A 408 -10.73 17.48 19.36
N TRP A 409 -11.17 16.24 19.59
CA TRP A 409 -12.27 15.68 18.81
C TRP A 409 -13.55 16.50 19.00
N TRP A 410 -14.25 16.74 17.89
CA TRP A 410 -15.58 17.32 17.92
C TRP A 410 -16.42 16.54 16.91
N ASP A 411 -17.71 16.36 17.16
CA ASP A 411 -18.62 15.90 16.11
C ASP A 411 -19.98 16.49 16.32
N ASN A 412 -20.81 16.46 15.29
CA ASN A 412 -22.17 16.98 15.37
C ASN A 412 -23.17 15.85 15.61
N GLY A 413 -22.70 14.67 16.02
CA GLY A 413 -23.61 13.58 16.24
C GLY A 413 -24.00 12.86 14.97
N SER A 414 -23.45 13.26 13.84
CA SER A 414 -23.81 12.65 12.58
C SER A 414 -22.58 12.40 11.68
N ASN A 415 -22.34 13.23 10.66
CA ASN A 415 -21.18 13.08 9.79
C ASN A 415 -20.33 14.34 9.63
N GLN A 416 -20.36 15.19 10.64
CA GLN A 416 -19.39 16.28 10.70
C GLN A 416 -18.50 16.03 11.86
N VAL A 417 -17.21 16.02 11.59
CA VAL A 417 -16.25 15.69 12.62
C VAL A 417 -14.97 16.47 12.42
N ALA A 418 -14.22 16.58 13.52
CA ALA A 418 -12.92 17.24 13.50
C ALA A 418 -12.03 16.73 14.60
N PHE A 419 -10.73 16.83 14.37
CA PHE A 419 -9.79 16.53 15.42
C PHE A 419 -8.47 17.14 15.06
N GLY A 420 -7.59 17.14 16.05
CA GLY A 420 -6.26 17.66 15.86
C GLY A 420 -5.20 16.69 16.31
N ARG A 421 -3.97 17.12 16.07
CA ARG A 421 -2.82 16.35 16.48
C ARG A 421 -1.95 17.30 17.31
N GLY A 422 -2.00 17.14 18.63
CA GLY A 422 -1.30 18.06 19.52
C GLY A 422 -1.60 19.49 19.10
N ASN A 423 -0.55 20.26 18.94
CA ASN A 423 -0.66 21.64 18.66
C ASN A 423 -0.06 21.92 17.31
N ARG A 424 -0.04 20.93 16.41
CA ARG A 424 0.62 21.10 15.11
CA ARG A 424 0.65 21.08 15.13
C ARG A 424 -0.28 20.87 13.92
N GLY A 425 -1.45 20.28 14.13
CA GLY A 425 -2.36 20.09 13.02
C GLY A 425 -3.82 19.98 13.39
N PHE A 426 -4.70 20.32 12.45
CA PHE A 426 -6.13 20.22 12.69
C PHE A 426 -6.85 19.97 11.39
N ILE A 427 -7.89 19.17 11.45
CA ILE A 427 -8.62 18.79 10.27
C ILE A 427 -10.09 18.66 10.57
N VAL A 428 -10.92 19.09 9.62
N VAL A 428 -10.92 19.10 9.62
CA VAL A 428 -12.38 19.14 9.79
CA VAL A 428 -12.38 19.13 9.79
C VAL A 428 -13.07 18.60 8.54
C VAL A 428 -13.06 18.59 8.54
N PHE A 429 -14.12 17.80 8.74
CA PHE A 429 -14.79 17.14 7.63
C PHE A 429 -16.25 17.45 7.66
N ASN A 430 -16.83 17.67 6.49
CA ASN A 430 -18.28 17.66 6.39
C ASN A 430 -18.74 16.64 5.41
N ASN A 431 -19.25 15.53 5.92
CA ASN A 431 -19.81 14.49 5.05
C ASN A 431 -21.33 14.35 5.24
N ASP A 432 -21.95 15.43 5.73
CA ASP A 432 -23.41 15.46 5.95
C ASP A 432 -24.06 16.17 4.76
N ASP A 433 -25.37 16.10 4.66
CA ASP A 433 -26.12 16.72 3.54
C ASP A 433 -26.55 18.15 3.87
N TRP A 434 -25.78 18.83 4.68
CA TRP A 434 -26.07 20.20 4.99
C TRP A 434 -24.83 20.91 5.46
N GLN A 435 -24.93 22.22 5.57
CA GLN A 435 -23.80 23.09 5.84
C GLN A 435 -23.11 22.89 7.19
N LEU A 436 -21.80 23.08 7.21
CA LEU A 436 -21.01 23.17 8.43
CA LEU A 436 -21.02 23.17 8.43
C LEU A 436 -20.54 24.60 8.59
N SER A 437 -20.90 25.22 9.71
CA SER A 437 -20.48 26.59 10.03
C SER A 437 -20.40 26.67 11.54
N SER A 438 -19.23 26.43 12.07
CA SER A 438 -19.06 26.30 13.51
CA SER A 438 -19.06 26.29 13.50
C SER A 438 -17.71 26.82 13.93
N THR A 439 -17.63 27.32 15.14
CA THR A 439 -16.37 27.77 15.71
C THR A 439 -15.83 26.67 16.61
N LEU A 440 -14.64 26.16 16.28
CA LEU A 440 -14.07 25.02 16.94
C LEU A 440 -12.74 25.33 17.57
N GLN A 441 -12.45 24.61 18.66
CA GLN A 441 -11.12 24.62 19.28
CA GLN A 441 -11.13 24.63 19.27
C GLN A 441 -10.17 23.74 18.45
N THR A 442 -9.09 24.34 17.96
CA THR A 442 -8.16 23.70 17.06
C THR A 442 -6.92 23.21 17.76
N GLY A 443 -6.60 23.79 18.91
CA GLY A 443 -5.40 23.44 19.64
C GLY A 443 -4.15 24.12 19.12
N LEU A 444 -4.28 24.89 18.04
CA LEU A 444 -3.12 25.49 17.43
CA LEU A 444 -3.14 25.51 17.39
C LEU A 444 -2.89 26.91 17.96
N PRO A 445 -1.63 27.41 17.86
CA PRO A 445 -1.37 28.81 18.21
C PRO A 445 -2.09 29.73 17.27
N GLY A 446 -2.53 30.87 17.78
CA GLY A 446 -3.14 31.91 16.98
C GLY A 446 -2.34 32.28 15.73
N GLY A 447 -3.04 32.62 14.66
CA GLY A 447 -2.41 33.13 13.43
C GLY A 447 -3.22 32.79 12.21
N THR A 448 -2.68 33.05 11.04
CA THR A 448 -3.44 32.81 9.84
C THR A 448 -2.84 31.64 9.10
N TYR A 449 -3.67 30.65 8.78
CA TYR A 449 -3.21 29.37 8.23
C TYR A 449 -3.83 29.06 6.89
N CYS A 450 -3.00 28.65 5.93
CA CYS A 450 -3.52 28.14 4.64
C CYS A 450 -4.10 26.74 4.81
N ASP A 451 -5.28 26.55 4.23
CA ASP A 451 -5.90 25.26 4.06
C ASP A 451 -5.15 24.56 2.95
N VAL A 452 -4.60 23.39 3.25
CA VAL A 452 -3.76 22.65 2.32
C VAL A 452 -4.56 21.66 1.45
N ILE A 453 -5.88 21.72 1.58
CA ILE A 453 -6.74 20.90 0.76
C ILE A 453 -7.15 21.68 -0.47
N SER A 454 -7.61 22.92 -0.27
CA SER A 454 -8.05 23.78 -1.37
C SER A 454 -6.87 24.50 -2.02
N GLY A 455 -5.72 24.51 -1.38
CA GLY A 455 -4.59 25.15 -2.05
C GLY A 455 -3.30 24.92 -1.30
N ASP A 456 -2.36 25.83 -1.51
CA ASP A 456 -1.01 25.73 -0.99
C ASP A 456 -0.57 27.04 -0.35
N LYS A 457 0.47 26.96 0.46
CA LYS A 457 1.13 28.13 0.94
C LYS A 457 2.25 28.48 -0.02
N VAL A 458 2.23 29.69 -0.58
CA VAL A 458 3.22 30.12 -1.57
C VAL A 458 3.75 31.49 -1.15
N GLY A 459 5.00 31.49 -0.67
CA GLY A 459 5.62 32.68 -0.15
C GLY A 459 4.83 33.11 1.06
N ASN A 460 4.44 34.37 1.15
N ASN A 460 4.38 34.36 1.01
CA ASN A 460 3.67 34.83 2.30
CA ASN A 460 3.58 34.99 2.07
C ASN A 460 2.20 35.02 1.92
C ASN A 460 2.08 34.85 1.84
N SER A 461 1.65 34.01 1.25
N SER A 461 1.68 34.10 0.83
N SER A 461 1.61 33.92 1.36
CA SER A 461 0.22 33.99 0.92
CA SER A 461 0.26 33.96 0.48
CA SER A 461 0.29 33.93 0.74
C SER A 461 -0.28 32.54 0.72
C SER A 461 -0.27 32.53 0.64
C SER A 461 -0.28 32.51 0.66
N CYS A 462 -1.60 32.40 0.57
CA CYS A 462 -2.26 31.10 0.39
C CYS A 462 -2.96 31.12 -0.95
N THR A 463 -2.91 30.05 -1.72
CA THR A 463 -3.63 30.02 -2.98
C THR A 463 -5.06 29.56 -2.85
N GLY A 464 -5.44 29.04 -1.69
CA GLY A 464 -6.82 28.59 -1.48
C GLY A 464 -7.42 29.29 -0.28
N ILE A 465 -8.22 28.59 0.48
CA ILE A 465 -8.85 29.12 1.67
C ILE A 465 -7.84 29.45 2.78
N LYS A 466 -8.08 30.54 3.51
CA LYS A 466 -7.27 30.86 4.68
C LYS A 466 -8.16 30.76 5.91
N VAL A 467 -7.55 30.34 7.00
CA VAL A 467 -8.24 30.21 8.29
C VAL A 467 -7.55 31.09 9.34
N TYR A 468 -8.31 32.02 9.90
CA TYR A 468 -7.80 32.83 11.00
C TYR A 468 -8.09 32.15 12.34
N VAL A 469 -7.03 31.81 13.08
CA VAL A 469 -7.14 31.20 14.41
C VAL A 469 -6.89 32.24 15.49
N SER A 470 -7.84 32.34 16.42
N SER A 470 -7.85 32.33 16.41
CA SER A 470 -7.77 33.32 17.48
CA SER A 470 -7.80 33.28 17.50
C SER A 470 -6.73 32.93 18.51
C SER A 470 -6.71 32.94 18.49
N SER A 471 -6.40 33.87 19.39
CA SER A 471 -5.38 33.61 20.38
C SER A 471 -5.75 32.47 21.34
N ASP A 472 -7.03 32.19 21.50
CA ASP A 472 -7.47 31.13 22.39
C ASP A 472 -7.56 29.77 21.65
N GLY A 473 -7.18 29.76 20.39
CA GLY A 473 -7.11 28.54 19.62
C GLY A 473 -8.35 28.23 18.81
N THR A 474 -9.39 29.05 18.91
CA THR A 474 -10.60 28.77 18.14
C THR A 474 -10.55 29.40 16.73
N ALA A 475 -11.29 28.79 15.81
CA ALA A 475 -11.49 29.32 14.49
C ALA A 475 -12.83 28.86 13.93
N GLN A 476 -13.38 29.64 12.99
CA GLN A 476 -14.59 29.29 12.31
C GLN A 476 -14.30 28.52 11.05
N PHE A 477 -15.02 27.41 10.88
CA PHE A 477 -14.92 26.59 9.67
C PHE A 477 -16.28 26.57 9.00
N SER A 478 -16.30 26.93 7.72
N SER A 478 -16.29 26.85 7.70
CA SER A 478 -17.54 26.90 6.94
CA SER A 478 -17.52 26.93 6.93
C SER A 478 -17.28 26.00 5.73
C SER A 478 -17.42 26.09 5.65
N ILE A 479 -18.01 24.90 5.65
CA ILE A 479 -17.88 23.97 4.53
C ILE A 479 -19.28 23.62 4.05
N SER A 480 -19.56 23.97 2.81
CA SER A 480 -20.83 23.58 2.19
C SER A 480 -20.79 22.08 1.88
N ASN A 481 -21.93 21.41 1.89
CA ASN A 481 -22.01 20.00 1.44
C ASN A 481 -21.79 19.86 -0.06
N SER A 482 -21.79 20.96 -0.78
CA SER A 482 -21.53 20.85 -2.17
C SER A 482 -20.09 21.29 -2.47
N ALA A 483 -19.26 21.40 -1.43
CA ALA A 483 -17.88 21.79 -1.70
C ALA A 483 -17.22 20.69 -2.50
N GLU A 484 -16.26 21.07 -3.33
CA GLU A 484 -15.58 20.10 -4.17
C GLU A 484 -14.87 19.09 -3.27
N ASP A 485 -14.07 19.62 -2.32
CA ASP A 485 -13.48 18.85 -1.26
C ASP A 485 -14.07 19.34 0.04
N PRO A 486 -14.88 18.50 0.66
CA PRO A 486 -15.61 18.85 1.86
C PRO A 486 -14.80 18.69 3.14
N PHE A 487 -13.54 19.06 3.11
CA PHE A 487 -12.78 19.06 4.33
C PHE A 487 -11.67 20.11 4.22
N ILE A 488 -11.19 20.52 5.39
CA ILE A 488 -10.14 21.50 5.51
C ILE A 488 -9.07 21.01 6.50
N ALA A 489 -7.81 21.25 6.18
CA ALA A 489 -6.69 20.84 7.02
C ALA A 489 -5.67 21.97 7.11
N ILE A 490 -5.24 22.27 8.32
CA ILE A 490 -4.24 23.30 8.52
C ILE A 490 -3.17 22.74 9.46
N HIS A 491 -1.91 23.17 9.30
CA HIS A 491 -0.87 22.69 10.17
C HIS A 491 0.23 23.71 10.38
N ALA A 492 1.20 23.35 11.21
CA ALA A 492 2.21 24.28 11.67
C ALA A 492 3.00 24.88 10.54
N GLU A 493 3.16 24.14 9.44
CA GLU A 493 3.95 24.64 8.32
C GLU A 493 3.10 25.27 7.23
N SER A 494 1.80 25.43 7.47
CA SER A 494 0.97 26.18 6.53
C SER A 494 0.61 27.55 7.10
N LYS A 495 1.19 27.88 8.26
CA LYS A 495 0.91 29.13 8.92
CA LYS A 495 0.94 29.13 8.94
C LYS A 495 1.67 30.27 8.22
N LEU A 496 0.99 31.39 7.99
CA LEU A 496 1.62 32.58 7.45
C LEU A 496 2.44 33.30 8.51
C1 GLC B . -2.17 -24.08 -22.15
C2 GLC B . -1.34 -22.81 -22.43
C3 GLC B . -2.11 -21.73 -23.21
C4 GLC B . -2.80 -22.30 -24.43
C5 GLC B . -3.67 -23.48 -24.02
C6 GLC B . -4.15 -24.20 -25.28
O1 GLC B . -3.00 -23.93 -21.03
O2 GLC B . -0.81 -22.28 -21.22
O3 GLC B . -1.27 -20.67 -23.60
O4 GLC B . -3.63 -21.28 -24.96
O5 GLC B . -2.97 -24.46 -23.26
O6 GLC B . -5.53 -24.42 -25.18
H1 GLC B . -1.47 -24.89 -21.95
H2 GLC B . -0.52 -23.09 -23.10
H3 GLC B . -2.90 -21.35 -22.55
H4 GLC B . -2.03 -22.58 -25.14
H5 GLC B . -4.54 -23.11 -23.49
H61 GLC B . -3.62 -25.15 -25.39
H62 GLC B . -3.93 -23.60 -26.16
HO1 GLC B . -3.58 -23.16 -21.15
HO2 GLC B . -1.55 -21.97 -20.66
HO3 GLC B . -0.48 -21.02 -24.06
HO6 GLC B . -6.01 -23.72 -25.68
C1 GLC B . -3.42 -21.01 -26.37
C2 GLC B . -2.74 -19.64 -26.61
C3 GLC B . -3.66 -18.44 -26.33
C4 GLC B . -5.01 -18.57 -27.04
C5 GLC B . -5.57 -20.00 -26.81
C6 GLC B . -6.88 -20.17 -27.61
O2 GLC B . -1.57 -19.53 -25.83
O3 GLC B . -3.01 -17.22 -26.69
O4 GLC B . -5.93 -17.68 -26.44
O5 GLC B . -4.64 -21.05 -27.09
O6 GLC B . -7.38 -21.46 -27.39
H1 GLC B . -2.77 -21.78 -26.78
H2 GLC B . -2.50 -19.57 -27.66
H3 GLC B . -3.90 -18.42 -25.26
H4 GLC B . -4.87 -18.33 -28.09
H5 GLC B . -5.79 -20.11 -25.75
H61 GLC B . -6.69 -19.98 -28.65
H62 GLC B . -7.61 -19.44 -27.25
HO2 GLC B . -0.89 -20.16 -26.18
HO3 GLC B . -2.82 -17.22 -27.65
HO6 GLC B . -7.96 -21.46 -26.60
C1 GLC B . -6.74 -16.83 -27.30
C2 GLC B . -6.31 -15.36 -27.16
C3 GLC B . -6.76 -14.77 -25.79
C4 GLC B . -8.29 -14.82 -25.66
C5 GLC B . -8.73 -16.28 -25.88
C6 GLC B . -10.25 -16.40 -26.02
O2 GLC B . -4.94 -15.31 -27.48
O3 GLC B . -6.26 -13.48 -25.47
O4 GLC B . -8.78 -14.27 -24.40
O5 GLC B . -8.15 -16.94 -27.02
O6 GLC B . -10.84 -17.24 -25.04
H1 GLC B . -6.60 -17.13 -28.32
H2 GLC B . -6.87 -14.77 -27.90
H3 GLC B . -6.45 -15.47 -25.01
H4 GLC B . -8.72 -14.26 -26.49
H5 GLC B . -8.41 -16.89 -25.03
H61 GLC B . -10.51 -16.88 -26.97
H62 GLC B . -10.72 -15.42 -26.01
HO2 GLC B . -4.41 -15.55 -26.68
HO3 GLC B . -5.36 -13.55 -25.09
HO6 GLC B . -10.56 -16.94 -24.15
C1 GLC B . -9.81 -13.21 -24.48
C2 GLC B . -10.04 -12.48 -23.15
C3 GLC B . -10.66 -13.37 -22.08
C4 GLC B . -12.06 -13.72 -22.56
C5 GLC B . -12.13 -14.08 -24.05
C6 GLC B . -13.51 -13.62 -24.51
O2 GLC B . -8.89 -11.88 -22.62
O3 GLC B . -10.68 -12.66 -20.85
O4 GLC B . -12.63 -14.77 -21.80
O5 GLC B . -11.11 -13.58 -24.94
O6 GLC B . -13.53 -13.20 -25.85
H1 GLC B . -9.43 -12.47 -25.18
H2 GLC B . -10.81 -11.72 -23.30
H3 GLC B . -10.03 -14.25 -22.00
H4 GLC B . -12.68 -12.83 -22.47
H5 GLC B . -12.09 -15.16 -24.13
H61 GLC B . -13.83 -12.76 -23.92
H62 GLC B . -14.24 -14.42 -24.36
HO2 GLC B . -8.20 -11.84 -23.32
HO3 GLC B . -10.98 -11.74 -21.01
HO6 GLC B . -13.15 -12.30 -25.93
C1 GLC C . -2.80 -13.20 -2.46
C2 GLC C . -3.92 -12.26 -2.93
C3 GLC C . -4.47 -12.73 -4.28
C4 GLC C . -3.30 -13.08 -5.21
C5 GLC C . -2.39 -14.13 -4.60
C6 GLC C . -1.29 -14.52 -5.58
O1 GLC C . -2.60 -13.44 -1.08
O2 GLC C . -4.96 -12.17 -1.98
O3 GLC C . -5.30 -11.70 -4.80
O4 GLC C . -3.76 -13.64 -6.41
O5 GLC C . -1.83 -13.64 -3.40
O6 GLC C . -0.09 -13.86 -5.24
H1 GLC C . -2.18 -12.31 -2.33
H2 GLC C . -3.50 -11.27 -3.11
H3 GLC C . -5.07 -13.62 -4.11
H4 GLC C . -2.71 -12.19 -5.40
H5 GLC C . -2.99 -15.02 -4.38
H61 GLC C . -1.56 -14.25 -6.60
H62 GLC C . -1.12 -15.59 -5.55
HO1 GLC C . -3.07 -12.74 -0.57
HO2 GLC C . -5.55 -11.43 -2.23
HO3 GLC C . -4.75 -11.06 -5.31
HO6 GLC C . 0.05 -13.93 -4.27
C1 GLC C . -3.45 -12.79 -7.55
C2 GLC C . -4.75 -12.32 -8.20
C3 GLC C . -5.48 -13.47 -8.89
C4 GLC C . -4.57 -14.25 -9.82
C5 GLC C . -3.31 -14.64 -9.01
C6 GLC C . -2.35 -15.55 -9.79
O2 GLC C . -5.66 -11.75 -7.28
O3 GLC C . -6.61 -12.95 -9.53
O4 GLC C . -5.26 -15.40 -10.21
O5 GLC C . -2.66 -13.47 -8.49
O6 GLC C . -1.84 -14.94 -10.95
H1 GLC C . -2.90 -11.90 -7.20
H2 GLC C . -4.50 -11.59 -8.97
H3 GLC C . -5.80 -14.18 -8.11
H4 GLC C . -4.37 -13.62 -10.69
H5 GLC C . -3.64 -15.19 -8.13
H61 GLC C . -2.86 -16.48 -10.03
H62 GLC C . -1.51 -15.81 -9.13
HO2 GLC C . -6.01 -12.45 -6.70
HO3 GLC C . -6.32 -12.36 -10.27
HO6 GLC C . -1.04 -14.43 -10.73
C1 GLC C . -5.08 -15.86 -11.55
C2 GLC C . -6.48 -15.86 -12.14
C3 GLC C . -7.17 -17.03 -11.50
C4 GLC C . -6.62 -18.27 -12.17
C5 GLC C . -5.12 -18.40 -11.81
C6 GLC C . -4.36 -19.27 -12.85
O2 GLC C . -7.17 -14.71 -11.74
O3 GLC C . -8.56 -16.94 -11.61
O4 GLC C . -7.34 -19.37 -11.67
O5 GLC C . -4.45 -17.15 -11.60
O6 GLC C . -3.43 -18.46 -13.56
H1 GLC C . -4.46 -15.14 -12.10
H2 GLC C . -6.40 -15.87 -13.22
H3 GLC C . -6.89 -17.08 -10.45
H4 GLC C . -6.78 -18.18 -13.24
H5 GLC C . -5.04 -18.87 -10.84
H61 GLC C . -5.09 -19.78 -13.46
H62 GLC C . -3.81 -20.03 -12.30
HO2 GLC C . -6.72 -13.91 -12.08
HO3 GLC C . -8.89 -16.23 -11.04
C1 GLC C . -8.16 -20.07 -12.64
C2 GLC C . -9.43 -20.36 -11.88
C3 GLC C . -8.96 -20.98 -10.58
C4 GLC C . -8.36 -22.33 -10.96
C5 GLC C . -7.18 -22.06 -11.91
C6 GLC C . -6.48 -23.34 -12.37
O2 GLC C . -10.13 -19.19 -11.59
O3 GLC C . -10.00 -21.07 -9.63
O4 GLC C . -8.00 -23.08 -9.81
O5 GLC C . -7.60 -21.30 -13.03
O6 GLC C . -7.38 -24.19 -13.05
H1 GLC C . -8.37 -19.44 -13.49
H2 GLC C . -10.07 -21.00 -12.50
H3 GLC C . -8.15 -20.37 -10.17
H4 GLC C . -9.09 -22.87 -11.56
H5 GLC C . -6.43 -21.47 -11.37
H61 GLC C . -6.06 -23.86 -11.51
H62 GLC C . -5.65 -23.09 -13.03
HO2 GLC C . -10.82 -19.04 -12.27
HO3 GLC C . -10.80 -21.43 -10.05
HO6 GLC C . -7.12 -25.12 -12.91
C1 GLC C . -9.01 -24.10 -9.55
C2 GLC C . -8.95 -24.56 -8.10
C3 GLC C . -7.62 -25.25 -7.89
C4 GLC C . -7.63 -26.52 -8.73
C5 GLC C . -7.87 -26.18 -10.20
C6 GLC C . -8.21 -27.46 -10.98
O2 GLC C . -9.09 -23.49 -7.20
O3 GLC C . -7.44 -25.54 -6.53
O4 GLC C . -6.39 -27.18 -8.60
O5 GLC C . -8.92 -25.24 -10.39
O6 GLC C . -7.45 -28.55 -10.50
H1 GLC C . -9.99 -23.65 -9.71
H2 GLC C . -9.76 -25.27 -7.95
H3 GLC C . -6.83 -24.58 -8.22
H4 GLC C . -8.42 -27.17 -8.35
H5 GLC C . -6.95 -25.76 -10.60
H61 GLC C . -7.99 -27.30 -12.03
H62 GLC C . -9.26 -27.67 -10.87
HO2 GLC C . -8.40 -22.83 -7.40
HO3 GLC C . -7.48 -24.71 -6.01
HO6 GLC C . -8.03 -29.16 -10.01
C1 GLC C . -3.02 -18.88 -14.89
C2 GLC C . -4.22 -18.85 -15.86
C3 GLC C . -4.82 -20.21 -16.21
C4 GLC C . -3.71 -21.20 -16.37
C5 GLC C . -3.08 -21.26 -14.99
C6 GLC C . -2.27 -22.53 -14.80
O2 GLC C . -5.26 -18.06 -15.32
O3 GLC C . -5.57 -20.07 -17.41
O4 GLC C . -4.22 -22.46 -16.73
O5 GLC C . -2.29 -20.09 -14.84
O6 GLC C . -2.79 -23.26 -13.70
H1 GLC C . -2.32 -18.12 -15.25
H2 GLC C . -3.88 -18.43 -16.80
H3 GLC C . -5.50 -20.51 -15.42
H4 GLC C . -3.03 -20.85 -17.15
H5 GLC C . -3.88 -21.28 -14.26
H61 GLC C . -1.21 -22.28 -14.67
H62 GLC C . -2.33 -23.15 -15.70
HO2 GLC C . -5.86 -17.79 -16.04
HO3 GLC C . -5.98 -20.94 -17.63
HO6 GLC C . -2.64 -22.75 -12.88
C1 GLC D . 3.59 -26.45 11.36
C2 GLC D . 3.55 -26.88 9.89
C3 GLC D . 4.94 -26.91 9.28
C4 GLC D . 5.65 -25.57 9.56
C5 GLC D . 5.51 -25.20 11.05
C6 GLC D . 6.21 -23.87 11.35
O1 GLC D . 2.28 -26.49 11.87
O2 GLC D . 2.94 -28.15 9.78
O3 GLC D . 4.85 -27.20 7.90
O4 GLC D . 7.02 -25.65 9.22
O5 GLC D . 4.15 -25.15 11.43
O6 GLC D . 7.54 -23.98 10.89
H1 GLC D . 4.21 -27.15 11.91
H2 GLC D . 2.97 -26.15 9.33
H3 GLC D . 5.52 -27.68 9.79
H4 GLC D . 5.16 -24.80 8.96
H5 GLC D . 5.98 -25.97 11.64
H61 GLC D . 6.12 -23.65 12.41
H62 GLC D . 5.71 -23.08 10.80
HO1 GLC D . 2.20 -25.82 12.59
HO2 GLC D . 1.98 -28.04 9.63
HO3 GLC D . 4.71 -26.37 7.40
HO4 GLC D . 7.52 -24.98 9.71
HO6 GLC D . 8.05 -23.18 11.18
CA CA E . 1.62 -22.35 0.96
CL CL F . -1.11 -5.48 0.37
#